data_7B4A
#
_entry.id   7B4A
#
_cell.length_a   136.784
_cell.length_b   50.347
_cell.length_c   67.481
_cell.angle_alpha   90.000
_cell.angle_beta   92.750
_cell.angle_gamma   90.000
#
_symmetry.space_group_name_H-M   'C 1 2 1'
#
loop_
_entity.id
_entity.type
_entity.pdbx_description
1 polymer 'Cellular tumor antigen p53'
2 polymer 'DNA target'
3 non-polymer 'ZINC ION'
4 non-polymer 'FORMIC ACID'
5 water water
#
loop_
_entity_poly.entity_id
_entity_poly.type
_entity_poly.pdbx_seq_one_letter_code
_entity_poly.pdbx_strand_id
1 'polypeptide(L)'
;SSSVPSQKTYQGSYGFRLGFLHSGTAKSVTCTYSPALNKMFCQLAKTCPVQLWVDSTPPPGTRVRAMAIYKQSQHMTEVV
RRCPHHERCSDSDGLAPPQHLIRVEGNLRVEYLDDRNTFRHSVVVPYEPPEVGSDCTTIHYNYMCNSSCMGGMNRRPILT
IITLEDSSGNLLGRNSFEVHVCACPGRDRRTEEENLRKKG
;
A,B
2 'polydeoxyribonucleotide' (DG)(DG)(DG)(DC)(DA)(DT)(DG)(DC)(DC)(DC)(DG)(DG)(DG)(DC)(DA)(DT)(DG)(DC)(DC)(DC) C
#
loop_
_chem_comp.id
_chem_comp.type
_chem_comp.name
_chem_comp.formula
DA DNA linking 2'-DEOXYADENOSINE-5'-MONOPHOSPHATE 'C10 H14 N5 O6 P'
DC DNA linking 2'-DEOXYCYTIDINE-5'-MONOPHOSPHATE 'C9 H14 N3 O7 P'
DG DNA linking 2'-DEOXYGUANOSINE-5'-MONOPHOSPHATE 'C10 H14 N5 O7 P'
DT DNA linking THYMIDINE-5'-MONOPHOSPHATE 'C10 H15 N2 O8 P'
FMT non-polymer 'FORMIC ACID' 'C H2 O2'
ZN non-polymer 'ZINC ION' 'Zn 2'
#
# COMPACT_ATOMS: atom_id res chain seq x y z
N SER A 1 13.30 -1.22 6.47
CA SER A 1 12.85 -2.00 5.32
C SER A 1 11.33 -2.10 5.28
N SER A 2 10.77 -1.92 4.07
CA SER A 2 9.32 -1.93 3.93
C SER A 2 8.74 -3.32 4.19
N SER A 3 7.60 -3.34 4.86
CA SER A 3 6.84 -4.55 5.10
C SER A 3 5.69 -4.71 4.13
N VAL A 4 5.61 -3.86 3.10
CA VAL A 4 4.57 -3.97 2.07
C VAL A 4 5.21 -4.59 0.83
N PRO A 5 4.81 -5.79 0.44
CA PRO A 5 5.41 -6.43 -0.74
C PRO A 5 4.99 -5.76 -2.03
N SER A 6 5.90 -5.77 -2.98
CA SER A 6 5.61 -5.16 -4.28
C SER A 6 4.53 -5.95 -5.00
N GLN A 7 3.72 -5.23 -5.77
CA GLN A 7 2.69 -5.81 -6.62
C GLN A 7 2.96 -5.54 -8.08
N LYS A 8 3.98 -4.75 -8.39
CA LYS A 8 4.24 -4.36 -9.76
C LYS A 8 4.63 -5.59 -10.58
N THR A 9 4.00 -5.74 -11.73
CA THR A 9 4.31 -6.85 -12.63
C THR A 9 5.77 -6.81 -13.04
N TYR A 10 6.44 -7.96 -12.94
CA TYR A 10 7.83 -8.15 -13.37
C TYR A 10 7.89 -9.47 -14.11
N GLN A 11 7.80 -9.42 -15.44
CA GLN A 11 7.77 -10.65 -16.23
C GLN A 11 9.12 -11.34 -16.22
N GLY A 12 10.20 -10.58 -16.08
CA GLY A 12 11.52 -11.15 -15.85
C GLY A 12 12.11 -11.83 -17.07
N SER A 13 13.32 -12.36 -16.87
CA SER A 13 14.06 -12.98 -17.96
C SER A 13 13.51 -14.33 -18.38
N TYR A 14 12.56 -14.88 -17.63
CA TYR A 14 11.94 -16.16 -18.00
C TYR A 14 10.58 -15.99 -18.65
N GLY A 15 10.10 -14.77 -18.81
CA GLY A 15 8.84 -14.52 -19.48
C GLY A 15 7.67 -15.06 -18.69
N PHE A 16 7.60 -14.68 -17.42
CA PHE A 16 6.62 -15.25 -16.50
C PHE A 16 5.29 -14.53 -16.64
N ARG A 17 4.22 -15.30 -16.85
CA ARG A 17 2.88 -14.74 -16.95
C ARG A 17 1.88 -15.74 -16.40
N LEU A 18 0.72 -15.24 -15.97
CA LEU A 18 -0.35 -16.09 -15.49
C LEU A 18 -1.37 -16.38 -16.59
N GLY A 19 -2.07 -17.50 -16.43
CA GLY A 19 -3.19 -17.82 -17.29
C GLY A 19 -4.35 -18.31 -16.46
N PHE A 20 -5.56 -18.13 -17.01
CA PHE A 20 -6.80 -18.49 -16.34
C PHE A 20 -7.76 -19.09 -17.36
N LEU A 21 -8.57 -20.05 -16.92
CA LEU A 21 -9.42 -20.81 -17.82
C LEU A 21 -10.79 -20.17 -17.94
N HIS A 22 -11.33 -20.17 -19.16
CA HIS A 22 -12.67 -19.64 -19.40
C HIS A 22 -13.70 -20.47 -18.65
N SER A 23 -14.80 -19.83 -18.30
CA SER A 23 -15.63 -20.42 -17.25
C SER A 23 -17.08 -20.62 -17.63
N GLY A 24 -17.69 -19.68 -18.35
CA GLY A 24 -19.11 -19.75 -18.59
C GLY A 24 -19.86 -19.14 -17.42
N THR A 25 -20.61 -18.08 -17.68
CA THR A 25 -21.02 -17.15 -16.62
C THR A 25 -22.43 -17.49 -16.11
N ALA A 26 -22.52 -18.64 -15.47
CA ALA A 26 -23.64 -18.89 -14.58
C ALA A 26 -23.56 -17.93 -13.41
N LYS A 27 -24.72 -17.62 -12.81
CA LYS A 27 -24.76 -16.66 -11.72
C LYS A 27 -23.82 -17.04 -10.58
N SER A 28 -23.73 -18.35 -10.28
CA SER A 28 -22.94 -18.84 -9.15
C SER A 28 -21.86 -19.81 -9.62
N VAL A 29 -21.27 -19.54 -10.80
CA VAL A 29 -20.15 -20.35 -11.26
C VAL A 29 -19.05 -20.29 -10.22
N THR A 30 -18.33 -21.41 -10.04
CA THR A 30 -17.43 -21.49 -8.89
C THR A 30 -16.26 -20.52 -9.02
N CYS A 31 -15.86 -20.18 -10.24
N CYS A 31 -15.82 -20.23 -10.23
CA CYS A 31 -14.72 -19.31 -10.48
CA CYS A 31 -14.79 -19.24 -10.44
C CYS A 31 -14.77 -18.79 -11.91
C CYS A 31 -14.91 -18.75 -11.87
N THR A 32 -14.59 -17.47 -12.08
CA THR A 32 -14.65 -16.85 -13.40
C THR A 32 -13.67 -15.68 -13.40
N TYR A 33 -12.92 -15.53 -14.48
CA TYR A 33 -11.87 -14.53 -14.56
C TYR A 33 -12.22 -13.44 -15.56
N SER A 34 -12.04 -12.19 -15.15
CA SER A 34 -12.32 -11.06 -16.01
C SER A 34 -11.02 -10.52 -16.60
N PRO A 35 -10.74 -10.72 -17.89
CA PRO A 35 -9.54 -10.11 -18.46
C PRO A 35 -9.56 -8.59 -18.40
N ALA A 36 -10.73 -7.97 -18.62
CA ALA A 36 -10.83 -6.52 -18.64
C ALA A 36 -10.43 -5.91 -17.30
N LEU A 37 -10.74 -6.60 -16.20
CA LEU A 37 -10.43 -6.12 -14.87
C LEU A 37 -9.20 -6.80 -14.25
N ASN A 38 -8.61 -7.80 -14.92
CA ASN A 38 -7.55 -8.62 -14.34
C ASN A 38 -7.94 -9.05 -12.93
N LYS A 39 -9.09 -9.72 -12.85
CA LYS A 39 -9.73 -9.96 -11.57
C LYS A 39 -10.43 -11.31 -11.56
N MET A 40 -10.09 -12.13 -10.55
N MET A 40 -10.09 -12.14 -10.56
CA MET A 40 -10.74 -13.42 -10.35
CA MET A 40 -10.75 -13.42 -10.38
C MET A 40 -11.94 -13.27 -9.44
C MET A 40 -11.94 -13.26 -9.45
N PHE A 41 -13.07 -13.81 -9.86
CA PHE A 41 -14.29 -13.90 -9.05
C PHE A 41 -14.47 -15.38 -8.72
N CYS A 42 -14.57 -15.71 -7.42
CA CYS A 42 -14.63 -17.12 -7.07
C CYS A 42 -15.35 -17.29 -5.74
N GLN A 43 -15.60 -18.55 -5.37
CA GLN A 43 -16.32 -18.90 -4.15
C GLN A 43 -15.35 -19.38 -3.09
N LEU A 44 -15.72 -19.21 -1.82
CA LEU A 44 -14.79 -19.60 -0.77
C LEU A 44 -14.62 -21.12 -0.70
N ALA A 45 -13.41 -21.54 -0.34
CA ALA A 45 -13.03 -22.94 -0.15
C ALA A 45 -13.26 -23.81 -1.39
N LYS A 46 -13.31 -23.22 -2.57
CA LYS A 46 -13.46 -23.99 -3.79
C LYS A 46 -12.27 -23.74 -4.70
N THR A 47 -12.02 -24.69 -5.60
CA THR A 47 -10.81 -24.67 -6.40
C THR A 47 -10.77 -23.45 -7.30
N CYS A 48 -9.62 -22.77 -7.32
N CYS A 48 -9.61 -22.79 -7.35
CA CYS A 48 -9.33 -21.66 -8.22
CA CYS A 48 -9.36 -21.67 -8.24
C CYS A 48 -8.06 -22.02 -8.97
C CYS A 48 -8.07 -21.96 -9.00
N PRO A 49 -8.16 -22.63 -10.14
CA PRO A 49 -6.95 -23.01 -10.88
C PRO A 49 -6.28 -21.80 -11.53
N VAL A 50 -4.97 -21.69 -11.33
CA VAL A 50 -4.17 -20.62 -11.90
C VAL A 50 -3.06 -21.26 -12.72
N GLN A 51 -2.90 -20.80 -13.95
CA GLN A 51 -1.89 -21.35 -14.85
C GLN A 51 -0.61 -20.52 -14.78
N LEU A 52 0.52 -21.21 -14.83
CA LEU A 52 1.83 -20.59 -14.87
C LEU A 52 2.42 -20.80 -16.25
N TRP A 53 2.78 -19.70 -16.91
CA TRP A 53 3.37 -19.68 -18.24
C TRP A 53 4.75 -19.04 -18.18
N VAL A 54 5.72 -19.66 -18.85
CA VAL A 54 7.08 -19.11 -18.95
C VAL A 54 7.60 -19.30 -20.38
N ASP A 55 8.38 -18.33 -20.85
CA ASP A 55 9.08 -18.49 -22.12
C ASP A 55 10.31 -19.38 -21.98
N SER A 56 11.06 -19.23 -20.88
CA SER A 56 12.27 -19.98 -20.62
C SER A 56 12.10 -20.78 -19.34
N THR A 57 12.64 -21.99 -19.31
CA THR A 57 12.42 -22.87 -18.15
C THR A 57 13.22 -22.38 -16.94
N PRO A 58 12.60 -22.22 -15.77
CA PRO A 58 13.34 -21.77 -14.59
C PRO A 58 14.37 -22.81 -14.16
N PRO A 59 15.37 -22.41 -13.37
CA PRO A 59 16.36 -23.37 -12.89
C PRO A 59 15.76 -24.32 -11.86
N PRO A 60 16.39 -25.48 -11.65
CA PRO A 60 15.90 -26.40 -10.61
C PRO A 60 15.87 -25.72 -9.25
N GLY A 61 14.92 -26.12 -8.42
CA GLY A 61 14.72 -25.50 -7.13
C GLY A 61 13.90 -24.24 -7.14
N THR A 62 13.37 -23.83 -8.29
CA THR A 62 12.50 -22.65 -8.35
C THR A 62 11.20 -22.93 -7.60
N ARG A 63 10.72 -21.91 -6.87
CA ARG A 63 9.52 -21.98 -6.05
C ARG A 63 8.47 -21.01 -6.58
N VAL A 64 7.19 -21.33 -6.32
CA VAL A 64 6.06 -20.45 -6.67
C VAL A 64 5.37 -20.03 -5.38
N ARG A 65 5.33 -18.73 -5.14
CA ARG A 65 4.76 -18.19 -3.91
C ARG A 65 3.52 -17.35 -4.20
N ALA A 66 2.53 -17.47 -3.32
CA ALA A 66 1.29 -16.70 -3.41
C ALA A 66 1.07 -15.96 -2.10
N MET A 67 0.65 -14.69 -2.21
CA MET A 67 0.47 -13.83 -1.06
C MET A 67 -0.65 -12.86 -1.39
N ALA A 68 -1.50 -12.59 -0.40
CA ALA A 68 -2.59 -11.65 -0.57
C ALA A 68 -2.24 -10.30 0.08
N ILE A 69 -2.63 -9.20 -0.57
CA ILE A 69 -2.49 -7.88 0.01
C ILE A 69 -3.75 -7.08 -0.30
N TYR A 70 -4.11 -6.17 0.60
CA TYR A 70 -5.24 -5.29 0.31
C TYR A 70 -4.88 -4.34 -0.82
N LYS A 71 -5.83 -4.15 -1.74
CA LYS A 71 -5.59 -3.36 -2.93
C LYS A 71 -5.61 -1.85 -2.63
N GLN A 72 -6.48 -1.41 -1.72
CA GLN A 72 -6.67 0.00 -1.45
C GLN A 72 -5.55 0.58 -0.60
N SER A 73 -5.24 1.86 -0.82
CA SER A 73 -4.07 2.47 -0.18
C SER A 73 -4.21 2.52 1.33
N GLN A 74 -5.42 2.79 1.84
CA GLN A 74 -5.56 2.92 3.28
C GLN A 74 -5.54 1.59 4.02
N HIS A 75 -5.49 0.45 3.32
CA HIS A 75 -5.44 -0.86 3.95
C HIS A 75 -4.20 -1.66 3.56
N MET A 76 -3.36 -1.13 2.69
CA MET A 76 -2.26 -1.88 2.12
C MET A 76 -1.29 -2.39 3.18
N THR A 77 -1.08 -1.64 4.26
CA THR A 77 -0.12 -2.08 5.26
C THR A 77 -0.70 -3.10 6.24
N GLU A 78 -1.95 -3.51 6.07
CA GLU A 78 -2.57 -4.46 6.99
C GLU A 78 -2.44 -5.87 6.44
N VAL A 79 -2.01 -6.81 7.28
CA VAL A 79 -1.85 -8.19 6.84
C VAL A 79 -3.21 -8.80 6.55
N VAL A 80 -3.30 -9.52 5.43
CA VAL A 80 -4.54 -10.20 5.04
C VAL A 80 -4.61 -11.55 5.76
N ARG A 81 -5.64 -11.75 6.56
CA ARG A 81 -5.80 -12.94 7.39
C ARG A 81 -7.19 -13.51 7.23
N ARG A 82 -7.33 -14.78 7.63
CA ARG A 82 -8.63 -15.41 7.75
C ARG A 82 -9.44 -14.76 8.86
N CYS A 83 -10.76 -14.67 8.66
CA CYS A 83 -11.64 -14.11 9.68
C CYS A 83 -11.76 -15.09 10.85
N PRO A 84 -12.11 -14.58 12.04
CA PRO A 84 -12.17 -15.46 13.23
C PRO A 84 -13.15 -16.61 13.08
N HIS A 85 -14.25 -16.43 12.36
CA HIS A 85 -15.22 -17.51 12.20
C HIS A 85 -14.63 -18.66 11.39
N HIS A 86 -14.15 -18.38 10.17
CA HIS A 86 -13.60 -19.47 9.37
C HIS A 86 -12.29 -19.99 9.94
N GLU A 87 -11.58 -19.19 10.75
CA GLU A 87 -10.40 -19.71 11.41
C GLU A 87 -10.78 -20.77 12.43
N ARG A 88 -11.88 -20.56 13.14
CA ARG A 88 -12.28 -21.47 14.21
C ARG A 88 -12.85 -22.77 13.65
N CYS A 89 -13.65 -22.68 12.59
CA CYS A 89 -14.24 -23.87 11.97
C CYS A 89 -13.46 -24.30 10.73
N LEU A 95 -0.62 -29.11 8.38
CA LEU A 95 -1.27 -28.67 7.15
C LEU A 95 -1.30 -27.15 7.06
N ALA A 96 -2.41 -26.61 6.58
CA ALA A 96 -2.57 -25.17 6.46
C ALA A 96 -2.94 -24.57 7.81
N PRO A 97 -2.19 -23.61 8.33
CA PRO A 97 -2.58 -22.94 9.58
C PRO A 97 -3.92 -22.24 9.39
N PRO A 98 -4.80 -22.30 10.39
CA PRO A 98 -6.16 -21.75 10.19
C PRO A 98 -6.19 -20.24 9.96
N GLN A 99 -5.12 -19.51 10.23
CA GLN A 99 -5.14 -18.08 10.00
C GLN A 99 -4.83 -17.71 8.56
N HIS A 100 -4.39 -18.66 7.74
CA HIS A 100 -4.05 -18.37 6.36
C HIS A 100 -5.28 -18.33 5.46
N LEU A 101 -5.42 -17.23 4.70
CA LEU A 101 -6.49 -17.11 3.71
C LEU A 101 -6.28 -18.06 2.55
N ILE A 102 -5.08 -18.11 1.97
CA ILE A 102 -4.84 -18.81 0.72
C ILE A 102 -4.23 -20.16 1.01
N ARG A 103 -4.81 -21.21 0.44
CA ARG A 103 -4.28 -22.57 0.46
C ARG A 103 -3.99 -23.04 -0.96
N VAL A 104 -3.17 -24.08 -1.03
CA VAL A 104 -2.92 -24.81 -2.26
C VAL A 104 -3.40 -26.24 -2.06
N GLU A 105 -4.26 -26.70 -2.95
CA GLU A 105 -4.75 -28.06 -2.91
C GLU A 105 -3.95 -28.93 -3.89
N GLY A 106 -3.92 -30.23 -3.60
CA GLY A 106 -3.33 -31.19 -4.52
C GLY A 106 -1.84 -31.10 -4.73
N ASN A 107 -1.08 -30.73 -3.70
CA ASN A 107 0.36 -30.64 -3.83
C ASN A 107 1.02 -31.16 -2.57
N LEU A 108 1.96 -32.10 -2.73
CA LEU A 108 2.56 -32.78 -1.61
C LEU A 108 3.73 -32.03 -0.99
N ARG A 109 4.16 -30.92 -1.59
CA ARG A 109 5.30 -30.16 -1.09
C ARG A 109 4.92 -28.71 -0.80
N VAL A 110 3.70 -28.51 -0.33
CA VAL A 110 3.26 -27.16 -0.03
C VAL A 110 3.82 -26.74 1.32
N GLU A 111 4.25 -25.47 1.41
CA GLU A 111 4.71 -24.87 2.66
C GLU A 111 3.95 -23.58 2.93
N TYR A 112 3.59 -23.37 4.20
CA TYR A 112 2.94 -22.14 4.67
C TYR A 112 3.92 -21.35 5.51
N LEU A 113 4.17 -20.09 5.13
CA LEU A 113 5.08 -19.21 5.83
C LEU A 113 4.34 -18.10 6.57
N ASP A 114 4.73 -17.88 7.83
CA ASP A 114 4.40 -16.69 8.61
C ASP A 114 5.69 -15.90 8.74
N ASP A 115 5.81 -14.81 8.00
CA ASP A 115 7.06 -14.07 7.99
C ASP A 115 7.39 -13.54 9.38
N ARG A 116 8.62 -13.79 9.81
CA ARG A 116 9.04 -13.45 11.15
C ARG A 116 9.06 -11.95 11.37
N ASN A 117 9.31 -11.18 10.30
CA ASN A 117 9.43 -9.73 10.41
C ASN A 117 8.17 -9.00 9.99
N THR A 118 7.60 -9.32 8.83
CA THR A 118 6.45 -8.59 8.30
C THR A 118 5.11 -9.13 8.74
N PHE A 119 5.07 -10.35 9.28
CA PHE A 119 3.89 -11.08 9.75
C PHE A 119 2.96 -11.48 8.63
N ARG A 120 3.34 -11.30 7.37
CA ARG A 120 2.47 -11.65 6.26
C ARG A 120 2.49 -13.15 5.99
N HIS A 121 1.36 -13.67 5.52
CA HIS A 121 1.22 -15.08 5.18
C HIS A 121 1.53 -15.30 3.72
N SER A 122 2.14 -16.44 3.40
CA SER A 122 2.26 -16.87 2.02
C SER A 122 2.24 -18.38 1.98
N VAL A 123 1.95 -18.92 0.80
CA VAL A 123 1.97 -20.36 0.56
C VAL A 123 2.83 -20.63 -0.67
N VAL A 124 3.72 -21.61 -0.57
CA VAL A 124 4.74 -21.86 -1.58
C VAL A 124 4.69 -23.32 -1.99
N VAL A 125 4.82 -23.58 -3.29
CA VAL A 125 4.99 -24.93 -3.81
C VAL A 125 6.17 -24.91 -4.77
N PRO A 126 6.78 -26.08 -5.02
CA PRO A 126 7.84 -26.14 -6.03
C PRO A 126 7.28 -25.89 -7.42
N TYR A 127 8.05 -25.17 -8.23
CA TYR A 127 7.72 -25.03 -9.64
C TYR A 127 8.00 -26.33 -10.37
N GLU A 128 7.03 -26.80 -11.14
CA GLU A 128 7.22 -27.93 -12.01
C GLU A 128 7.03 -27.50 -13.45
N PRO A 129 7.96 -27.81 -14.35
CA PRO A 129 7.75 -27.47 -15.74
C PRO A 129 6.59 -28.26 -16.30
N PRO A 130 5.88 -27.71 -17.29
CA PRO A 130 4.77 -28.45 -17.89
C PRO A 130 5.25 -29.79 -18.42
N GLU A 131 4.38 -30.80 -18.30
CA GLU A 131 4.81 -32.18 -18.64
C GLU A 131 5.18 -32.24 -20.13
N VAL A 132 6.07 -33.15 -20.54
CA VAL A 132 6.43 -33.21 -21.98
C VAL A 132 5.09 -33.44 -22.67
N GLY A 133 4.69 -32.44 -23.45
CA GLY A 133 3.34 -32.43 -24.06
C GLY A 133 2.39 -31.33 -23.60
N SER A 134 2.78 -30.35 -22.74
CA SER A 134 1.80 -29.22 -22.54
C SER A 134 2.45 -27.83 -22.29
N ASP A 135 1.64 -26.78 -22.31
CA ASP A 135 2.13 -25.40 -22.40
C ASP A 135 2.23 -24.67 -21.07
N CYS A 136 1.56 -25.12 -20.02
CA CYS A 136 1.59 -24.38 -18.77
C CYS A 136 1.50 -25.36 -17.60
N THR A 137 1.63 -24.79 -16.41
CA THR A 137 1.56 -25.51 -15.15
C THR A 137 0.45 -24.88 -14.32
N THR A 138 -0.45 -25.71 -13.79
CA THR A 138 -1.62 -25.22 -13.08
C THR A 138 -1.45 -25.49 -11.58
N ILE A 139 -1.74 -24.48 -10.77
CA ILE A 139 -1.80 -24.60 -9.31
C ILE A 139 -3.25 -24.44 -8.87
N HIS A 140 -3.68 -25.29 -7.93
CA HIS A 140 -5.05 -25.26 -7.42
C HIS A 140 -5.06 -24.46 -6.11
N TYR A 141 -5.41 -23.17 -6.20
CA TYR A 141 -5.51 -22.32 -5.03
C TYR A 141 -6.91 -22.39 -4.42
N ASN A 142 -6.99 -22.02 -3.15
CA ASN A 142 -8.22 -22.00 -2.38
C ASN A 142 -8.23 -20.75 -1.51
N TYR A 143 -9.33 -20.00 -1.56
CA TYR A 143 -9.51 -18.84 -0.70
C TYR A 143 -10.53 -19.22 0.37
N MET A 144 -10.12 -19.14 1.62
CA MET A 144 -10.89 -19.72 2.72
C MET A 144 -11.82 -18.71 3.41
N CYS A 145 -11.98 -17.50 2.86
CA CYS A 145 -12.97 -16.53 3.32
C CYS A 145 -13.62 -15.88 2.12
N ASN A 146 -14.84 -15.38 2.32
CA ASN A 146 -15.41 -14.45 1.36
C ASN A 146 -14.75 -13.08 1.54
N SER A 147 -14.72 -12.29 0.46
CA SER A 147 -14.22 -10.93 0.59
C SER A 147 -15.00 -10.16 1.64
N SER A 148 -16.26 -10.53 1.84
CA SER A 148 -17.13 -9.82 2.78
C SER A 148 -16.93 -10.21 4.25
N CYS A 149 -16.14 -11.24 4.56
CA CYS A 149 -16.15 -11.80 5.90
C CYS A 149 -15.85 -10.76 6.96
N MET A 150 -16.73 -10.64 7.94
CA MET A 150 -16.52 -9.72 9.04
C MET A 150 -15.32 -10.16 9.88
N GLY A 151 -14.53 -9.19 10.35
CA GLY A 151 -13.31 -9.49 11.07
C GLY A 151 -12.17 -10.03 10.22
N GLY A 152 -12.40 -10.23 8.91
CA GLY A 152 -11.36 -10.61 7.99
C GLY A 152 -11.21 -9.57 6.90
N MET A 153 -11.36 -9.98 5.63
CA MET A 153 -11.22 -9.02 4.55
C MET A 153 -12.28 -7.92 4.62
N ASN A 154 -13.44 -8.21 5.22
CA ASN A 154 -14.43 -7.19 5.60
C ASN A 154 -14.80 -6.27 4.42
N ARG A 155 -15.03 -6.88 3.27
CA ARG A 155 -15.47 -6.22 2.04
C ARG A 155 -14.36 -5.42 1.37
N ARG A 156 -13.09 -5.64 1.74
CA ARG A 156 -11.98 -4.93 1.12
C ARG A 156 -11.36 -5.75 0.01
N PRO A 157 -11.26 -5.24 -1.21
CA PRO A 157 -10.67 -6.03 -2.30
C PRO A 157 -9.21 -6.34 -2.03
N ILE A 158 -8.79 -7.50 -2.52
CA ILE A 158 -7.40 -7.92 -2.33
C ILE A 158 -6.79 -8.21 -3.69
N LEU A 159 -5.46 -8.22 -3.69
CA LEU A 159 -4.68 -8.75 -4.80
C LEU A 159 -4.01 -10.04 -4.32
N THR A 160 -3.87 -10.99 -5.22
CA THR A 160 -2.98 -12.13 -5.02
C THR A 160 -1.71 -11.90 -5.82
N ILE A 161 -0.56 -11.95 -5.13
N ILE A 161 -0.57 -11.94 -5.13
CA ILE A 161 0.74 -11.77 -5.75
CA ILE A 161 0.74 -11.75 -5.76
C ILE A 161 1.39 -13.13 -5.93
C ILE A 161 1.38 -13.12 -5.93
N ILE A 162 1.66 -13.50 -7.18
CA ILE A 162 2.35 -14.75 -7.50
C ILE A 162 3.78 -14.38 -7.87
N THR A 163 4.74 -14.84 -7.08
CA THR A 163 6.15 -14.61 -7.38
C THR A 163 6.83 -15.93 -7.70
N LEU A 164 7.65 -15.92 -8.74
CA LEU A 164 8.55 -17.01 -9.10
C LEU A 164 9.92 -16.70 -8.51
N GLU A 165 10.41 -17.57 -7.62
CA GLU A 165 11.66 -17.33 -6.91
C GLU A 165 12.58 -18.54 -7.07
N ASP A 166 13.89 -18.28 -7.18
CA ASP A 166 14.83 -19.40 -7.21
C ASP A 166 15.07 -19.89 -5.79
N SER A 167 15.76 -21.03 -5.68
CA SER A 167 16.00 -21.60 -4.37
C SER A 167 16.81 -20.66 -3.48
N SER A 168 17.64 -19.80 -4.08
CA SER A 168 18.45 -18.85 -3.31
C SER A 168 17.66 -17.66 -2.81
N GLY A 169 16.41 -17.49 -3.26
CA GLY A 169 15.60 -16.36 -2.89
C GLY A 169 15.51 -15.25 -3.92
N ASN A 170 16.23 -15.33 -5.03
CA ASN A 170 16.14 -14.27 -6.03
C ASN A 170 14.74 -14.21 -6.62
N LEU A 171 14.20 -13.00 -6.75
CA LEU A 171 12.96 -12.81 -7.49
C LEU A 171 13.22 -13.04 -8.97
N LEU A 172 12.55 -14.05 -9.54
CA LEU A 172 12.63 -14.31 -10.97
C LEU A 172 11.48 -13.71 -11.76
N GLY A 173 10.32 -13.53 -11.15
CA GLY A 173 9.15 -13.02 -11.83
C GLY A 173 8.05 -12.76 -10.83
N ARG A 174 7.15 -11.86 -11.21
CA ARG A 174 6.04 -11.48 -10.33
C ARG A 174 4.83 -11.11 -11.17
N ASN A 175 3.66 -11.60 -10.77
CA ASN A 175 2.41 -11.22 -11.41
C ASN A 175 1.34 -11.13 -10.34
N SER A 176 0.26 -10.45 -10.66
CA SER A 176 -0.78 -10.27 -9.65
C SER A 176 -2.13 -10.16 -10.34
N PHE A 177 -3.17 -10.55 -9.60
CA PHE A 177 -4.54 -10.40 -10.04
C PHE A 177 -5.38 -10.04 -8.82
N GLU A 178 -6.45 -9.29 -9.06
CA GLU A 178 -7.40 -8.99 -8.00
C GLU A 178 -8.29 -10.20 -7.77
N VAL A 179 -8.75 -10.36 -6.54
CA VAL A 179 -9.63 -11.46 -6.18
C VAL A 179 -10.86 -10.86 -5.50
N HIS A 180 -12.02 -11.41 -5.85
CA HIS A 180 -13.30 -11.12 -5.20
C HIS A 180 -13.87 -12.49 -4.85
N VAL A 181 -13.83 -12.87 -3.58
CA VAL A 181 -14.42 -14.13 -3.15
C VAL A 181 -15.85 -13.84 -2.70
N CYS A 182 -16.80 -14.54 -3.29
CA CYS A 182 -18.20 -14.19 -3.10
C CYS A 182 -19.08 -15.40 -3.37
N ALA A 183 -20.35 -15.27 -2.98
CA ALA A 183 -21.32 -16.35 -3.21
C ALA A 183 -21.67 -16.52 -4.69
N CYS A 184 -21.71 -15.43 -5.45
CA CYS A 184 -22.21 -15.46 -6.83
C CYS A 184 -21.19 -14.82 -7.75
N PRO A 185 -20.14 -15.54 -8.11
CA PRO A 185 -19.08 -14.94 -8.94
C PRO A 185 -19.56 -14.43 -10.29
N GLY A 186 -20.49 -15.12 -10.94
CA GLY A 186 -20.96 -14.65 -12.24
C GLY A 186 -21.74 -13.36 -12.14
N ARG A 187 -22.61 -13.25 -11.13
CA ARG A 187 -23.35 -12.00 -10.93
C ARG A 187 -22.40 -10.84 -10.65
N ASP A 188 -21.47 -11.02 -9.72
CA ASP A 188 -20.62 -9.89 -9.33
C ASP A 188 -19.64 -9.51 -10.44
N ARG A 189 -19.20 -10.49 -11.25
CA ARG A 189 -18.36 -10.15 -12.39
C ARG A 189 -19.14 -9.32 -13.41
N ARG A 190 -20.35 -9.76 -13.75
N ARG A 190 -20.35 -9.76 -13.75
CA ARG A 190 -21.16 -9.02 -14.72
CA ARG A 190 -21.16 -9.02 -14.71
C ARG A 190 -21.54 -7.63 -14.20
C ARG A 190 -21.53 -7.64 -14.20
N THR A 191 -21.70 -7.48 -12.89
CA THR A 191 -22.05 -6.18 -12.33
C THR A 191 -20.87 -5.22 -12.40
N GLU A 192 -19.69 -5.68 -11.99
CA GLU A 192 -18.53 -4.78 -12.00
C GLU A 192 -18.11 -4.45 -13.43
N GLU A 193 -18.21 -5.40 -14.35
CA GLU A 193 -17.89 -5.10 -15.74
C GLU A 193 -18.89 -4.11 -16.36
N GLU A 194 -20.16 -4.22 -15.97
CA GLU A 194 -21.14 -3.26 -16.46
C GLU A 194 -20.90 -1.89 -15.87
N ASN A 195 -20.57 -1.82 -14.58
CA ASN A 195 -20.23 -0.52 -13.98
C ASN A 195 -19.00 0.08 -14.65
N LEU A 196 -18.03 -0.75 -15.03
CA LEU A 196 -16.83 -0.25 -15.69
C LEU A 196 -17.17 0.41 -17.02
N ARG A 197 -18.04 -0.22 -17.81
CA ARG A 197 -18.43 0.34 -19.09
C ARG A 197 -19.25 1.62 -18.89
N LYS A 198 -20.15 1.63 -17.90
CA LYS A 198 -21.08 2.74 -17.78
C LYS A 198 -20.46 3.94 -17.08
N LYS A 199 -19.64 3.72 -16.04
CA LYS A 199 -19.18 4.81 -15.20
C LYS A 199 -17.66 4.77 -14.96
N GLY A 200 -16.93 3.91 -15.65
CA GLY A 200 -15.49 3.81 -15.46
C GLY A 200 -14.67 4.98 -15.95
N SER B 1 21.07 29.41 18.15
CA SER B 1 20.68 28.82 16.87
C SER B 1 19.16 28.64 16.79
N SER B 2 18.61 28.84 15.59
CA SER B 2 17.17 28.78 15.40
C SER B 2 16.62 27.39 15.71
N SER B 3 15.49 27.36 16.40
CA SER B 3 14.74 26.12 16.63
C SER B 3 13.59 25.96 15.65
N VAL B 4 13.47 26.84 14.66
CA VAL B 4 12.45 26.77 13.64
C VAL B 4 13.09 26.16 12.39
N PRO B 5 12.69 24.97 11.96
CA PRO B 5 13.37 24.35 10.83
C PRO B 5 12.93 24.99 9.53
N SER B 6 13.82 24.93 8.54
CA SER B 6 13.53 25.54 7.25
C SER B 6 12.45 24.77 6.52
N GLN B 7 11.60 25.50 5.80
CA GLN B 7 10.60 24.89 4.94
C GLN B 7 10.88 25.13 3.46
N LYS B 8 11.92 25.89 3.15
CA LYS B 8 12.15 26.30 1.77
C LYS B 8 12.56 25.11 0.91
N THR B 9 11.96 25.02 -0.27
CA THR B 9 12.22 23.90 -1.17
C THR B 9 13.68 23.89 -1.59
N TYR B 10 14.33 22.75 -1.44
CA TYR B 10 15.72 22.57 -1.85
C TYR B 10 15.78 21.23 -2.57
N GLN B 11 15.62 21.27 -3.90
CA GLN B 11 15.62 20.04 -4.68
C GLN B 11 16.98 19.38 -4.69
N GLY B 12 18.04 20.15 -4.54
CA GLY B 12 19.36 19.59 -4.31
C GLY B 12 19.98 18.93 -5.52
N SER B 13 21.20 18.40 -5.31
CA SER B 13 21.97 17.80 -6.39
C SER B 13 21.41 16.46 -6.84
N TYR B 14 20.43 15.91 -6.13
CA TYR B 14 19.85 14.62 -6.47
C TYR B 14 18.47 14.76 -7.13
N GLY B 15 18.00 15.99 -7.34
CA GLY B 15 16.72 16.22 -7.97
C GLY B 15 15.55 15.68 -7.19
N PHE B 16 15.54 15.94 -5.89
CA PHE B 16 14.53 15.40 -4.98
C PHE B 16 13.21 16.14 -5.12
N ARG B 17 12.13 15.39 -5.33
CA ARG B 17 10.79 15.97 -5.39
C ARG B 17 9.79 14.95 -4.87
N LEU B 18 8.62 15.44 -4.52
CA LEU B 18 7.54 14.61 -3.97
C LEU B 18 6.47 14.38 -5.03
N GLY B 19 5.81 13.23 -4.94
CA GLY B 19 4.66 12.95 -5.78
C GLY B 19 3.48 12.47 -4.97
N PHE B 20 2.28 12.64 -5.53
CA PHE B 20 1.04 12.27 -4.87
C PHE B 20 0.09 11.63 -5.88
N LEU B 21 -0.66 10.61 -5.44
CA LEU B 21 -1.54 9.88 -6.32
C LEU B 21 -2.90 10.56 -6.43
N HIS B 22 -3.41 10.70 -7.66
CA HIS B 22 -4.75 11.23 -7.89
C HIS B 22 -5.79 10.34 -7.22
N SER B 23 -6.92 10.93 -6.82
CA SER B 23 -7.75 10.32 -5.80
C SER B 23 -9.21 10.14 -6.17
N GLY B 24 -9.81 11.04 -6.95
CA GLY B 24 -11.24 10.99 -7.15
C GLY B 24 -11.97 11.61 -5.97
N THR B 25 -12.76 12.65 -6.23
CA THR B 25 -13.17 13.58 -5.19
C THR B 25 -14.55 13.24 -4.65
N ALA B 26 -14.64 12.09 -3.99
CA ALA B 26 -15.76 11.85 -3.09
C ALA B 26 -15.65 12.82 -1.92
N LYS B 27 -16.81 13.14 -1.31
CA LYS B 27 -16.82 14.12 -0.24
C LYS B 27 -15.90 13.71 0.91
N SER B 28 -15.88 12.43 1.23
CA SER B 28 -15.08 11.93 2.34
C SER B 28 -14.02 10.94 1.88
N VAL B 29 -13.41 11.21 0.71
CA VAL B 29 -12.30 10.39 0.25
C VAL B 29 -11.21 10.41 1.32
N THR B 30 -10.49 9.29 1.48
CA THR B 30 -9.57 9.22 2.60
C THR B 30 -8.38 10.16 2.44
N CYS B 31 -7.97 10.47 1.21
N CYS B 31 -7.94 10.44 1.21
CA CYS B 31 -6.83 11.36 0.98
CA CYS B 31 -6.89 11.41 1.00
C CYS B 31 -6.88 11.91 -0.44
C CYS B 31 -6.97 11.93 -0.43
N THR B 32 -6.67 13.22 -0.60
CA THR B 32 -6.67 13.84 -1.91
C THR B 32 -5.73 15.04 -1.89
N TYR B 33 -4.92 15.15 -2.93
CA TYR B 33 -3.89 16.18 -3.01
C TYR B 33 -4.31 17.24 -4.02
N SER B 34 -4.14 18.51 -3.65
CA SER B 34 -4.47 19.62 -4.53
C SER B 34 -3.17 20.22 -5.07
N PRO B 35 -2.88 20.07 -6.36
CA PRO B 35 -1.65 20.67 -6.89
C PRO B 35 -1.68 22.19 -6.89
N ALA B 36 -2.84 22.79 -7.16
CA ALA B 36 -2.93 24.24 -7.14
C ALA B 36 -2.57 24.83 -5.78
N LEU B 37 -2.82 24.07 -4.69
CA LEU B 37 -2.56 24.55 -3.36
C LEU B 37 -1.33 23.93 -2.72
N ASN B 38 -0.73 22.93 -3.37
CA ASN B 38 0.33 22.11 -2.77
C ASN B 38 -0.09 21.68 -1.36
N LYS B 39 -1.23 21.01 -1.30
CA LYS B 39 -1.92 20.76 -0.04
C LYS B 39 -2.56 19.38 -0.08
N MET B 40 -2.24 18.56 0.91
N MET B 40 -2.22 18.54 0.89
CA MET B 40 -2.86 17.24 1.08
CA MET B 40 -2.86 17.26 1.08
C MET B 40 -4.05 17.37 2.03
C MET B 40 -4.07 17.44 1.99
N PHE B 41 -5.19 16.85 1.61
CA PHE B 41 -6.38 16.78 2.44
C PHE B 41 -6.59 15.31 2.77
N CYS B 42 -6.60 14.96 4.05
CA CYS B 42 -6.69 13.55 4.42
C CYS B 42 -7.43 13.39 5.74
N GLN B 43 -7.81 12.14 6.03
CA GLN B 43 -8.49 11.79 7.27
C GLN B 43 -7.49 11.27 8.30
N LEU B 44 -7.83 11.42 9.57
CA LEU B 44 -6.90 11.07 10.62
C LEU B 44 -6.75 9.56 10.74
N ALA B 45 -5.56 9.15 11.14
CA ALA B 45 -5.21 7.75 11.39
C ALA B 45 -5.41 6.87 10.16
N LYS B 46 -5.48 7.47 8.97
CA LYS B 46 -5.59 6.72 7.73
C LYS B 46 -4.41 7.01 6.82
N THR B 47 -4.10 6.03 5.97
CA THR B 47 -2.89 6.05 5.15
C THR B 47 -2.86 7.26 4.21
N CYS B 48 -1.73 7.96 4.23
N CYS B 48 -1.70 7.91 4.16
CA CYS B 48 -1.43 9.02 3.28
CA CYS B 48 -1.46 9.04 3.26
C CYS B 48 -0.17 8.63 2.54
C CYS B 48 -0.18 8.75 2.49
N PRO B 49 -0.28 8.11 1.32
CA PRO B 49 0.93 7.76 0.56
C PRO B 49 1.62 8.99 0.00
N VAL B 50 2.93 9.05 0.17
CA VAL B 50 3.75 10.13 -0.39
C VAL B 50 4.87 9.50 -1.20
N GLN B 51 5.03 9.97 -2.44
CA GLN B 51 6.02 9.42 -3.36
C GLN B 51 7.30 10.25 -3.30
N LEU B 52 8.43 9.55 -3.24
CA LEU B 52 9.76 10.15 -3.29
C LEU B 52 10.31 9.95 -4.70
N TRP B 53 10.65 11.04 -5.38
CA TRP B 53 11.25 11.00 -6.71
C TRP B 53 12.63 11.63 -6.67
N VAL B 54 13.60 10.99 -7.34
CA VAL B 54 14.94 11.55 -7.44
C VAL B 54 15.45 11.41 -8.86
N ASP B 55 16.28 12.37 -9.29
CA ASP B 55 16.96 12.24 -10.57
C ASP B 55 18.20 11.36 -10.45
N SER B 56 18.95 11.51 -9.35
CA SER B 56 20.16 10.74 -9.09
C SER B 56 19.98 9.94 -7.81
N THR B 57 20.60 8.76 -7.77
CA THR B 57 20.38 7.85 -6.64
C THR B 57 21.20 8.30 -5.43
N PRO B 58 20.56 8.53 -4.29
CA PRO B 58 21.30 8.96 -3.10
C PRO B 58 22.28 7.90 -2.64
N PRO B 59 23.30 8.30 -1.88
CA PRO B 59 24.29 7.32 -1.41
C PRO B 59 23.68 6.38 -0.40
N PRO B 60 24.30 5.23 -0.14
CA PRO B 60 23.77 4.32 0.87
C PRO B 60 23.71 4.98 2.24
N GLY B 61 22.75 4.53 3.04
CA GLY B 61 22.51 5.12 4.34
C GLY B 61 21.73 6.43 4.33
N THR B 62 21.22 6.86 3.18
CA THR B 62 20.39 8.06 3.14
C THR B 62 19.11 7.81 3.93
N ARG B 63 18.64 8.84 4.64
CA ARG B 63 17.42 8.75 5.44
C ARG B 63 16.38 9.75 4.93
N VAL B 64 15.12 9.48 5.25
CA VAL B 64 13.99 10.33 4.88
C VAL B 64 13.28 10.74 6.16
N ARG B 65 13.27 12.03 6.46
CA ARG B 65 12.70 12.57 7.70
C ARG B 65 11.43 13.35 7.38
N ALA B 66 10.40 13.17 8.18
CA ALA B 66 9.20 14.00 8.09
C ALA B 66 9.00 14.76 9.39
N MET B 67 8.53 15.99 9.28
CA MET B 67 8.35 16.86 10.44
C MET B 67 7.26 17.87 10.12
N ALA B 68 6.36 18.09 11.07
CA ALA B 68 5.29 19.06 10.94
C ALA B 68 5.69 20.37 11.62
N ILE B 69 5.35 21.48 10.97
CA ILE B 69 5.46 22.82 11.54
C ILE B 69 4.17 23.57 11.22
N TYR B 70 3.83 24.53 12.07
CA TYR B 70 2.69 25.41 11.80
C TYR B 70 3.03 26.39 10.70
N LYS B 71 2.07 26.59 9.79
CA LYS B 71 2.29 27.40 8.60
C LYS B 71 2.28 28.90 8.92
N GLN B 72 1.42 29.33 9.83
CA GLN B 72 1.23 30.76 10.07
C GLN B 72 2.37 31.32 10.91
N SER B 73 2.70 32.59 10.66
CA SER B 73 3.83 33.22 11.33
C SER B 73 3.67 33.20 12.84
N GLN B 74 2.47 33.48 13.35
CA GLN B 74 2.32 33.59 14.79
C GLN B 74 2.39 32.25 15.52
N HIS B 75 2.35 31.14 14.80
CA HIS B 75 2.43 29.82 15.43
C HIS B 75 3.68 29.05 15.05
N MET B 76 4.54 29.61 14.20
CA MET B 76 5.64 28.86 13.63
C MET B 76 6.59 28.30 14.70
N THR B 77 6.80 29.05 15.77
CA THR B 77 7.73 28.63 16.80
C THR B 77 7.14 27.63 17.79
N GLU B 78 5.89 27.21 17.63
CA GLU B 78 5.29 26.25 18.55
C GLU B 78 5.40 24.85 17.97
N VAL B 79 5.88 23.92 18.79
CA VAL B 79 6.02 22.53 18.36
C VAL B 79 4.64 21.93 18.08
N VAL B 80 4.52 21.29 16.92
CA VAL B 80 3.30 20.56 16.53
C VAL B 80 3.27 19.24 17.27
N ARG B 81 2.22 19.02 18.06
CA ARG B 81 2.07 17.84 18.89
C ARG B 81 0.71 17.20 18.68
N ARG B 82 0.60 15.94 19.10
CA ARG B 82 -0.71 15.31 19.22
C ARG B 82 -1.50 15.95 20.37
N CYS B 83 -2.81 16.03 20.18
CA CYS B 83 -3.67 16.61 21.21
C CYS B 83 -3.82 15.62 22.38
N PRO B 84 -4.24 16.10 23.56
CA PRO B 84 -4.27 15.20 24.73
C PRO B 84 -5.25 14.04 24.60
N HIS B 85 -6.38 14.25 23.92
CA HIS B 85 -7.35 13.16 23.75
C HIS B 85 -6.77 12.01 22.94
N HIS B 86 -6.29 12.31 21.72
CA HIS B 86 -5.73 11.25 20.89
C HIS B 86 -4.41 10.72 21.45
N GLU B 87 -3.68 11.53 22.22
CA GLU B 87 -2.50 11.00 22.90
C GLU B 87 -2.88 9.93 23.91
N ARG B 88 -3.97 10.16 24.66
CA ARG B 88 -4.36 9.24 25.72
C ARG B 88 -4.97 7.95 25.15
N CYS B 89 -5.74 8.06 24.08
CA CYS B 89 -6.35 6.87 23.51
C CYS B 89 -5.63 6.44 22.24
N LEU B 95 5.57 1.47 18.64
CA LEU B 95 6.86 2.15 18.68
C LEU B 95 6.70 3.66 18.59
N ALA B 96 5.58 4.11 18.04
CA ALA B 96 5.31 5.54 17.93
C ALA B 96 4.95 6.11 19.29
N PRO B 97 5.71 7.09 19.79
CA PRO B 97 5.32 7.77 21.04
C PRO B 97 3.99 8.47 20.88
N PRO B 98 3.16 8.47 21.92
CA PRO B 98 1.78 9.00 21.76
C PRO B 98 1.71 10.47 21.50
N GLN B 99 2.77 11.24 21.79
CA GLN B 99 2.79 12.67 21.54
C GLN B 99 3.05 13.04 20.07
N HIS B 100 3.59 12.12 19.26
CA HIS B 100 3.91 12.40 17.87
C HIS B 100 2.67 12.45 16.99
N LEU B 101 2.56 13.50 16.18
CA LEU B 101 1.45 13.61 15.23
C LEU B 101 1.63 12.68 14.04
N ILE B 102 2.82 12.65 13.45
CA ILE B 102 3.07 11.91 12.22
C ILE B 102 3.67 10.54 12.56
N ARG B 103 3.07 9.50 12.01
CA ARG B 103 3.62 8.15 12.05
C ARG B 103 3.93 7.67 10.63
N VAL B 104 4.76 6.65 10.54
CA VAL B 104 4.99 5.94 9.28
C VAL B 104 4.47 4.53 9.45
N GLU B 105 3.61 4.08 8.53
CA GLU B 105 3.14 2.71 8.57
C GLU B 105 3.95 1.84 7.61
N GLY B 106 4.03 0.56 7.96
CA GLY B 106 4.53 -0.44 7.04
C GLY B 106 6.03 -0.37 6.79
N ASN B 107 6.81 -0.02 7.81
CA ASN B 107 8.26 0.03 7.68
C ASN B 107 8.89 -0.50 8.95
N LEU B 108 9.82 -1.44 8.81
CA LEU B 108 10.42 -2.09 9.96
C LEU B 108 11.55 -1.29 10.59
N ARG B 109 12.00 -0.21 9.94
CA ARG B 109 13.15 0.55 10.41
C ARG B 109 12.77 2.00 10.71
N VAL B 110 11.56 2.23 11.21
CA VAL B 110 11.10 3.57 11.51
C VAL B 110 11.72 4.03 12.83
N GLU B 111 12.10 5.31 12.91
CA GLU B 111 12.63 5.90 14.12
C GLU B 111 11.87 7.19 14.42
N TYR B 112 11.51 7.38 15.69
CA TYR B 112 10.84 8.59 16.14
C TYR B 112 11.82 9.38 17.00
N LEU B 113 11.99 10.65 16.66
CA LEU B 113 12.95 11.51 17.35
C LEU B 113 12.22 12.62 18.09
N ASP B 114 12.64 12.83 19.33
CA ASP B 114 12.28 14.01 20.11
C ASP B 114 13.56 14.83 20.25
N ASP B 115 13.66 15.93 19.52
CA ASP B 115 14.91 16.66 19.50
C ASP B 115 15.24 17.18 20.90
N ARG B 116 16.46 16.88 21.33
CA ARG B 116 16.92 17.25 22.67
C ARG B 116 16.95 18.77 22.87
N ASN B 117 17.17 19.54 21.82
CA ASN B 117 17.30 21.00 21.95
C ASN B 117 16.07 21.75 21.48
N THR B 118 15.50 21.38 20.33
CA THR B 118 14.37 22.12 19.78
C THR B 118 13.03 21.56 20.23
N PHE B 119 13.03 20.35 20.80
CA PHE B 119 11.83 19.65 21.26
C PHE B 119 10.88 19.26 20.12
N ARG B 120 11.29 19.48 18.87
CA ARG B 120 10.44 19.11 17.75
C ARG B 120 10.47 17.62 17.50
N HIS B 121 9.35 17.11 17.00
CA HIS B 121 9.18 15.70 16.70
C HIS B 121 9.44 15.45 15.22
N SER B 122 9.98 14.28 14.94
CA SER B 122 10.14 13.88 13.54
C SER B 122 10.15 12.36 13.52
N VAL B 123 9.87 11.82 12.33
CA VAL B 123 9.86 10.38 12.11
C VAL B 123 10.72 10.08 10.88
N VAL B 124 11.63 9.12 11.00
CA VAL B 124 12.63 8.86 9.97
C VAL B 124 12.57 7.40 9.55
N VAL B 125 12.72 7.16 8.24
CA VAL B 125 12.89 5.81 7.70
C VAL B 125 14.08 5.82 6.74
N PRO B 126 14.68 4.66 6.51
CA PRO B 126 15.75 4.60 5.51
C PRO B 126 15.20 4.90 4.13
N TYR B 127 15.99 5.59 3.31
CA TYR B 127 15.63 5.72 1.91
C TYR B 127 15.94 4.42 1.16
N GLU B 128 14.96 3.93 0.42
CA GLU B 128 15.13 2.80 -0.47
C GLU B 128 14.92 3.24 -1.91
N PRO B 129 15.83 2.88 -2.82
CA PRO B 129 15.61 3.23 -4.22
C PRO B 129 14.44 2.46 -4.79
N PRO B 130 13.72 3.02 -5.76
CA PRO B 130 12.64 2.26 -6.40
C PRO B 130 13.13 0.92 -6.91
N GLU B 131 12.27 -0.10 -6.82
CA GLU B 131 12.72 -1.48 -7.16
C GLU B 131 13.08 -1.54 -8.66
N VAL B 132 13.95 -2.49 -9.06
CA VAL B 132 14.32 -2.55 -10.51
C VAL B 132 12.96 -2.78 -11.20
N GLY B 133 12.58 -1.79 -12.00
CA GLY B 133 11.24 -1.77 -12.61
C GLY B 133 10.29 -0.69 -12.10
N SER B 134 10.69 0.26 -11.21
CA SER B 134 9.71 1.38 -11.02
C SER B 134 10.37 2.76 -10.78
N ASP B 135 9.57 3.83 -10.82
CA ASP B 135 10.03 5.22 -10.92
C ASP B 135 10.11 5.97 -9.59
N CYS B 136 9.48 5.49 -8.52
CA CYS B 136 9.50 6.25 -7.28
C CYS B 136 9.41 5.31 -6.08
N THR B 137 9.56 5.89 -4.90
CA THR B 137 9.45 5.20 -3.62
C THR B 137 8.32 5.83 -2.83
N THR B 138 7.43 5.02 -2.29
CA THR B 138 6.24 5.48 -1.58
C THR B 138 6.41 5.22 -0.10
N ILE B 139 6.15 6.24 0.72
CA ILE B 139 6.11 6.10 2.17
C ILE B 139 4.66 6.27 2.62
N HIS B 140 4.22 5.43 3.54
CA HIS B 140 2.86 5.47 4.05
C HIS B 140 2.85 6.27 5.35
N TYR B 141 2.44 7.53 5.26
CA TYR B 141 2.38 8.41 6.42
C TYR B 141 1.00 8.38 7.07
N ASN B 142 0.96 8.69 8.36
CA ASN B 142 -0.27 8.71 9.15
C ASN B 142 -0.29 9.94 10.04
N TYR B 143 -1.39 10.69 9.98
CA TYR B 143 -1.61 11.87 10.83
C TYR B 143 -2.62 11.50 11.90
N MET B 144 -2.24 11.63 13.17
CA MET B 144 -3.03 11.03 14.24
C MET B 144 -3.98 12.03 14.90
N CYS B 145 -4.12 13.24 14.36
CA CYS B 145 -5.11 14.21 14.80
C CYS B 145 -5.73 14.87 13.57
N ASN B 146 -6.98 15.31 13.74
CA ASN B 146 -7.55 16.28 12.82
C ASN B 146 -6.88 17.63 13.00
N SER B 147 -6.88 18.43 11.94
CA SER B 147 -6.34 19.79 12.05
C SER B 147 -7.09 20.60 13.10
N SER B 148 -8.35 20.27 13.35
CA SER B 148 -9.24 20.99 14.25
C SER B 148 -9.08 20.58 15.71
N CYS B 149 -8.26 19.58 16.01
CA CYS B 149 -8.22 19.00 17.36
C CYS B 149 -7.91 20.05 18.41
N MET B 150 -8.80 20.15 19.39
CA MET B 150 -8.61 21.02 20.54
C MET B 150 -7.42 20.57 21.37
N GLY B 151 -6.61 21.53 21.79
CA GLY B 151 -5.41 21.20 22.51
C GLY B 151 -4.28 20.66 21.65
N GLY B 152 -4.51 20.52 20.35
CA GLY B 152 -3.44 20.17 19.45
C GLY B 152 -3.29 21.22 18.38
N MET B 153 -3.39 20.79 17.12
CA MET B 153 -3.31 21.74 16.03
C MET B 153 -4.36 22.83 16.14
N ASN B 154 -5.52 22.52 16.71
CA ASN B 154 -6.51 23.54 17.07
C ASN B 154 -6.86 24.43 15.89
N ARG B 155 -7.17 23.81 14.75
CA ARG B 155 -7.60 24.49 13.53
C ARG B 155 -6.48 25.29 12.85
N ARG B 156 -5.22 25.08 13.24
CA ARG B 156 -4.12 25.79 12.59
C ARG B 156 -3.50 24.93 11.50
N PRO B 157 -3.36 25.46 10.29
CA PRO B 157 -2.73 24.70 9.21
C PRO B 157 -1.28 24.39 9.51
N ILE B 158 -0.85 23.22 9.06
CA ILE B 158 0.54 22.80 9.22
C ILE B 158 1.15 22.53 7.86
N LEU B 159 2.47 22.50 7.85
CA LEU B 159 3.24 21.98 6.72
C LEU B 159 3.92 20.70 7.18
N THR B 160 4.02 19.73 6.29
CA THR B 160 4.89 18.58 6.50
C THR B 160 6.17 18.81 5.71
N ILE B 161 7.31 18.74 6.37
N ILE B 161 7.31 18.74 6.37
CA ILE B 161 8.60 18.96 5.75
CA ILE B 161 8.59 18.97 5.74
C ILE B 161 9.28 17.61 5.57
C ILE B 161 9.27 17.61 5.57
N ILE B 162 9.62 17.28 4.33
CA ILE B 162 10.29 16.01 4.02
C ILE B 162 11.71 16.34 3.63
N THR B 163 12.66 15.81 4.38
CA THR B 163 14.07 16.07 4.13
C THR B 163 14.76 14.75 3.79
N LEU B 164 15.58 14.79 2.75
CA LEU B 164 16.44 13.68 2.39
C LEU B 164 17.82 13.98 3.00
N GLU B 165 18.32 13.08 3.85
CA GLU B 165 19.56 13.35 4.57
C GLU B 165 20.50 12.16 4.44
N ASP B 166 21.81 12.44 4.30
CA ASP B 166 22.75 11.33 4.28
C ASP B 166 23.00 10.84 5.70
N SER B 167 23.67 9.70 5.82
CA SER B 167 23.89 9.11 7.15
C SER B 167 24.70 10.03 8.04
N SER B 168 25.54 10.89 7.46
CA SER B 168 26.34 11.88 8.18
C SER B 168 25.51 13.08 8.63
N GLY B 169 24.28 13.23 8.15
CA GLY B 169 23.42 14.33 8.53
C GLY B 169 23.38 15.51 7.58
N ASN B 170 24.12 15.45 6.48
CA ASN B 170 24.04 16.48 5.46
C ASN B 170 22.64 16.54 4.86
N LEU B 171 22.12 17.75 4.72
CA LEU B 171 20.86 17.93 4.00
C LEU B 171 21.07 17.70 2.52
N LEU B 172 20.45 16.66 1.96
CA LEU B 172 20.54 16.39 0.53
C LEU B 172 19.38 17.00 -0.26
N GLY B 173 18.19 17.07 0.34
CA GLY B 173 17.07 17.72 -0.32
C GLY B 173 15.95 17.98 0.66
N ARG B 174 15.07 18.90 0.29
CA ARG B 174 13.94 19.25 1.14
C ARG B 174 12.73 19.64 0.30
N ASN B 175 11.57 19.14 0.69
CA ASN B 175 10.30 19.50 0.08
C ASN B 175 9.25 19.58 1.17
N SER B 176 8.14 20.23 0.85
CA SER B 176 7.11 20.41 1.86
C SER B 176 5.75 20.55 1.18
N PHE B 177 4.72 20.16 1.91
CA PHE B 177 3.35 20.31 1.46
C PHE B 177 2.48 20.65 2.66
N GLU B 178 1.43 21.40 2.41
CA GLU B 178 0.49 21.74 3.47
C GLU B 178 -0.42 20.55 3.71
N VAL B 179 -0.82 20.35 4.96
CA VAL B 179 -1.73 19.27 5.32
C VAL B 179 -2.96 19.84 6.01
N HIS B 180 -4.12 19.30 5.66
CA HIS B 180 -5.37 19.60 6.33
C HIS B 180 -5.99 18.25 6.62
N VAL B 181 -5.92 17.81 7.88
CA VAL B 181 -6.53 16.57 8.29
C VAL B 181 -7.94 16.88 8.77
N CYS B 182 -8.93 16.17 8.23
CA CYS B 182 -10.32 16.57 8.40
C CYS B 182 -11.21 15.35 8.17
N ALA B 183 -12.51 15.52 8.44
CA ALA B 183 -13.43 14.42 8.24
C ALA B 183 -13.80 14.21 6.78
N CYS B 184 -13.86 15.29 5.99
CA CYS B 184 -14.33 15.25 4.61
C CYS B 184 -13.29 15.92 3.71
N PRO B 185 -12.23 15.22 3.35
CA PRO B 185 -11.18 15.85 2.53
C PRO B 185 -11.66 16.34 1.17
N GLY B 186 -12.60 15.63 0.55
CA GLY B 186 -13.12 16.07 -0.74
C GLY B 186 -13.87 17.38 -0.65
N ARG B 187 -14.74 17.50 0.34
CA ARG B 187 -15.46 18.76 0.55
C ARG B 187 -14.49 19.91 0.82
N ASP B 188 -13.59 19.73 1.79
CA ASP B 188 -12.72 20.84 2.17
C ASP B 188 -11.77 21.23 1.05
N ARG B 189 -11.30 20.27 0.26
CA ARG B 189 -10.47 20.61 -0.88
C ARG B 189 -11.25 21.41 -1.91
N ARG B 190 -12.47 20.98 -2.22
N ARG B 190 -12.47 20.98 -2.22
CA ARG B 190 -13.26 21.71 -3.21
CA ARG B 190 -13.26 21.71 -3.21
C ARG B 190 -13.63 23.09 -2.70
C ARG B 190 -13.64 23.09 -2.71
N THR B 191 -13.85 23.24 -1.39
CA THR B 191 -14.19 24.55 -0.85
C THR B 191 -12.99 25.50 -0.92
N GLU B 192 -11.80 25.03 -0.54
CA GLU B 192 -10.67 25.95 -0.53
C GLU B 192 -10.26 26.34 -1.95
N GLU B 193 -10.30 25.38 -2.88
CA GLU B 193 -9.99 25.69 -4.27
C GLU B 193 -11.00 26.66 -4.86
N GLU B 194 -12.27 26.57 -4.44
CA GLU B 194 -13.26 27.52 -4.90
C GLU B 194 -13.00 28.91 -4.31
N ASN B 195 -12.63 28.97 -3.03
CA ASN B 195 -12.29 30.25 -2.42
C ASN B 195 -11.06 30.87 -3.07
N LEU B 196 -10.08 30.04 -3.42
CA LEU B 196 -8.91 30.53 -4.13
C LEU B 196 -9.30 31.17 -5.46
N ARG B 197 -10.14 30.49 -6.24
CA ARG B 197 -10.53 31.04 -7.53
C ARG B 197 -11.36 32.31 -7.38
N LYS B 198 -12.31 32.32 -6.44
CA LYS B 198 -13.24 33.43 -6.36
C LYS B 198 -12.64 34.65 -5.65
N LYS B 199 -11.78 34.43 -4.65
CA LYS B 199 -11.32 35.51 -3.80
C LYS B 199 -9.81 35.51 -3.53
N GLY B 200 -9.05 34.63 -4.16
CA GLY B 200 -7.62 34.54 -3.91
C GLY B 200 -6.81 35.71 -4.43
ZN ZN D . -14.21 -15.83 6.68
C FMT E . 10.86 -15.41 8.25
O1 FMT E . 10.03 -16.11 8.82
O2 FMT E . 11.02 -15.35 7.02
ZN ZN F . -6.32 14.95 18.27
C FMT G . 18.70 15.19 19.67
O1 FMT G . 19.01 14.93 18.51
O2 FMT G . 17.91 14.53 20.35
#